data_8UOI
#
_entry.id   8UOI
#
_cell.length_a   84.010
_cell.length_b   87.280
_cell.length_c   106.550
_cell.angle_alpha   90.00
_cell.angle_beta   90.00
_cell.angle_gamma   90.00
#
_symmetry.space_group_name_H-M   'I 2 2 2'
#
loop_
_entity.id
_entity.type
_entity.pdbx_description
1 polymer 'MAP/microtubule affinity-regulating kinase 3'
2 non-polymer (7M)-7-[(4S)-imidazo[1,2-b]pyridazin-3-yl]-1-[(1R)-1-phenylethyl]-3-(piperazin-1-yl)pyrido[3,4-b]pyrazin-2(1H)-one
3 non-polymer 1,2-ETHANEDIOL
4 water water
#
_entity_poly.entity_id   1
_entity_poly.type   'polypeptide(L)'
_entity_poly.pdbx_seq_one_letter_code
;GAMGSDEQPHIGNYRLLKTLGKGNFAKVKRARHILTGREVAIKIIDKTQLNPTSLQKLFREVRIMKILNHPNIIKLFEVI
ETEKTLYLIMEYASKGEVYDYLVEHGRMKEKEARSKFRQIVSAVQYCHQKRIVHRDLKAENLLLDADMNIKIADFGFSNE
FTKGGKLDTFCGSPPYAAPELFQGKKYDGPEVDVWSLGVILYTLVSGSLPFDGQNLKELRERVLRGKYRIPFYMSTDCEN
LLKRFLVLNPIKRGTLEQIMKDRWINAGHEEDELKPFVEPELDISDQKRIDIMVGMGYSQEEIQESLSKMKYDEITATYL
LLGRKSSE
;
_entity_poly.pdbx_strand_id   A
#
# COMPACT_ATOMS: atom_id res chain seq x y z
N PRO A 9 23.00 6.79 -17.00
CA PRO A 9 22.02 7.17 -15.98
C PRO A 9 22.08 6.26 -14.75
N HIS A 10 23.06 6.51 -13.88
CA HIS A 10 23.31 5.75 -12.67
C HIS A 10 22.99 6.60 -11.44
N ILE A 11 22.52 5.94 -10.38
CA ILE A 11 22.51 6.53 -9.05
C ILE A 11 22.93 5.46 -8.04
N GLY A 12 23.94 5.77 -7.23
CA GLY A 12 24.49 4.76 -6.34
C GLY A 12 24.76 3.46 -7.08
N ASN A 13 24.24 2.36 -6.53
CA ASN A 13 24.44 1.03 -7.10
C ASN A 13 23.32 0.62 -8.08
N TYR A 14 22.62 1.58 -8.70
CA TYR A 14 21.44 1.28 -9.52
C TYR A 14 21.56 1.86 -10.92
N ARG A 15 21.11 1.09 -11.90
CA ARG A 15 21.00 1.55 -13.29
C ARG A 15 19.54 1.87 -13.55
N LEU A 16 19.25 3.11 -13.95
CA LEU A 16 17.87 3.52 -14.12
C LEU A 16 17.37 3.12 -15.51
N LEU A 17 16.15 2.61 -15.56
CA LEU A 17 15.58 2.07 -16.79
C LEU A 17 14.24 2.76 -17.10
N LYS A 18 13.16 2.00 -17.33
CA LYS A 18 11.96 2.61 -17.89
C LYS A 18 11.15 3.35 -16.84
N THR A 19 10.48 4.42 -17.27
CA THR A 19 9.60 5.17 -16.37
C THR A 19 8.29 4.43 -16.19
N LEU A 20 7.85 4.29 -14.93
CA LEU A 20 6.58 3.68 -14.59
C LEU A 20 5.47 4.70 -14.46
N GLY A 21 5.81 5.93 -14.09
CA GLY A 21 4.83 6.99 -13.99
C GLY A 21 5.54 8.23 -13.49
N LYS A 22 4.82 9.34 -13.54
CA LYS A 22 5.42 10.62 -13.21
C LYS A 22 4.34 11.54 -12.66
N GLY A 23 4.73 12.38 -11.73
CA GLY A 23 3.76 13.27 -11.14
C GLY A 23 4.34 14.60 -10.75
N ASN A 24 3.62 15.28 -9.85
CA ASN A 24 4.10 16.52 -9.25
C ASN A 24 5.46 16.31 -8.60
N PHE A 25 6.51 16.81 -9.26
CA PHE A 25 7.86 16.91 -8.73
C PHE A 25 8.57 15.57 -8.58
N ALA A 26 8.03 14.50 -9.16
CA ALA A 26 8.62 13.18 -8.98
C ALA A 26 8.30 12.27 -10.15
N LYS A 27 9.17 11.28 -10.33
CA LYS A 27 8.94 10.18 -11.27
C LYS A 27 9.37 8.88 -10.59
N VAL A 28 8.76 7.79 -11.03
CA VAL A 28 9.15 6.46 -10.57
C VAL A 28 9.69 5.70 -11.78
N LYS A 29 10.88 5.13 -11.64
CA LYS A 29 11.49 4.34 -12.70
C LYS A 29 11.78 2.93 -12.21
N ARG A 30 11.62 1.95 -13.09
CA ARG A 30 12.19 0.64 -12.82
C ARG A 30 13.71 0.75 -12.91
N ALA A 31 14.41 -0.11 -12.18
CA ALA A 31 15.86 -0.08 -12.18
C ALA A 31 16.42 -1.47 -11.88
N ARG A 32 17.70 -1.65 -12.17
CA ARG A 32 18.44 -2.84 -11.80
C ARG A 32 19.52 -2.49 -10.78
N HIS A 33 19.59 -3.27 -9.72
CA HIS A 33 20.69 -3.19 -8.75
C HIS A 33 21.92 -3.86 -9.34
N ILE A 34 23.03 -3.13 -9.37
CA ILE A 34 24.21 -3.61 -10.09
C ILE A 34 24.85 -4.79 -9.36
N LEU A 35 24.96 -4.70 -8.03
CA LEU A 35 25.70 -5.72 -7.28
C LEU A 35 24.99 -7.07 -7.26
N THR A 36 23.66 -7.09 -7.29
CA THR A 36 22.88 -8.33 -7.19
C THR A 36 22.07 -8.67 -8.44
N GLY A 37 21.83 -7.72 -9.35
CA GLY A 37 21.02 -7.99 -10.50
C GLY A 37 19.51 -7.94 -10.29
N ARG A 38 19.05 -7.68 -9.07
CA ARG A 38 17.62 -7.62 -8.78
C ARG A 38 17.01 -6.33 -9.34
N GLU A 39 15.77 -6.45 -9.79
CA GLU A 39 15.01 -5.28 -10.20
C GLU A 39 14.41 -4.59 -8.98
N VAL A 40 14.28 -3.28 -9.08
CA VAL A 40 13.68 -2.45 -8.04
C VAL A 40 12.89 -1.34 -8.74
N ALA A 41 12.12 -0.60 -7.94
CA ALA A 41 11.48 0.62 -8.40
C ALA A 41 12.06 1.78 -7.63
N ILE A 42 12.41 2.87 -8.32
CA ILE A 42 13.05 4.01 -7.67
C ILE A 42 12.18 5.24 -7.86
N LYS A 43 11.74 5.83 -6.76
CA LYS A 43 11.07 7.13 -6.80
C LYS A 43 12.12 8.24 -6.74
N ILE A 44 12.07 9.14 -7.70
CA ILE A 44 13.04 10.21 -7.83
C ILE A 44 12.31 11.53 -7.54
N ILE A 45 12.64 12.16 -6.41
CA ILE A 45 11.93 13.35 -5.95
C ILE A 45 12.85 14.56 -6.06
N ASP A 46 12.43 15.55 -6.85
CA ASP A 46 13.16 16.83 -6.97
C ASP A 46 12.85 17.68 -5.75
N LYS A 47 13.79 17.73 -4.81
CA LYS A 47 13.61 18.51 -3.59
C LYS A 47 13.64 20.02 -3.83
N THR A 48 14.27 20.48 -4.91
CA THR A 48 14.42 21.93 -5.09
C THR A 48 13.07 22.60 -5.32
N GLN A 49 12.08 21.87 -5.82
CA GLN A 49 10.76 22.43 -6.09
C GLN A 49 9.85 22.38 -4.88
N LEU A 50 10.34 21.93 -3.73
CA LEU A 50 9.51 21.74 -2.55
C LEU A 50 9.75 22.84 -1.53
N ASN A 51 8.66 23.31 -0.95
CA ASN A 51 8.70 24.26 0.16
C ASN A 51 8.93 23.50 1.47
N PRO A 52 9.23 24.20 2.57
CA PRO A 52 9.55 23.49 3.81
C PRO A 52 8.46 22.56 4.33
N THR A 53 7.18 22.87 4.12
CA THR A 53 6.17 21.93 4.58
C THR A 53 6.10 20.71 3.66
N SER A 54 6.27 20.91 2.36
CA SER A 54 6.37 19.75 1.46
C SER A 54 7.59 18.91 1.83
N LEU A 55 8.71 19.55 2.16
CA LEU A 55 9.90 18.81 2.57
C LEU A 55 9.63 17.98 3.82
N GLN A 56 8.95 18.57 4.82
CA GLN A 56 8.61 17.83 6.03
C GLN A 56 7.70 16.65 5.72
N LYS A 57 6.70 16.87 4.85
CA LYS A 57 5.83 15.78 4.42
C LYS A 57 6.64 14.64 3.79
N LEU A 58 7.62 14.98 2.97
CA LEU A 58 8.46 13.96 2.33
C LEU A 58 9.18 13.13 3.39
N PHE A 59 9.81 13.78 4.36
CA PHE A 59 10.55 13.01 5.34
C PHE A 59 9.62 12.19 6.23
N ARG A 60 8.38 12.64 6.42
CA ARG A 60 7.42 11.80 7.14
C ARG A 60 7.10 10.54 6.34
N GLU A 61 6.94 10.68 5.02
CA GLU A 61 6.63 9.51 4.21
C GLU A 61 7.73 8.46 4.34
N VAL A 62 8.99 8.90 4.30
CA VAL A 62 10.12 8.00 4.47
C VAL A 62 10.04 7.32 5.83
N ARG A 63 9.74 8.08 6.87
CA ARG A 63 9.66 7.50 8.21
C ARG A 63 8.57 6.44 8.29
N ILE A 64 7.42 6.67 7.63
CA ILE A 64 6.35 5.66 7.60
C ILE A 64 6.80 4.41 6.88
N MET A 65 7.49 4.55 5.74
CA MET A 65 7.95 3.38 5.02
C MET A 65 8.94 2.55 5.85
N LYS A 66 9.75 3.20 6.70
CA LYS A 66 10.66 2.44 7.53
C LYS A 66 9.94 1.65 8.62
N ILE A 67 8.77 2.13 9.05
CA ILE A 67 8.02 1.46 10.11
C ILE A 67 7.35 0.20 9.60
N LEU A 68 6.93 0.19 8.34
CA LEU A 68 6.02 -0.83 7.83
C LEU A 68 6.78 -1.94 7.12
N ASN A 69 6.57 -3.18 7.54
CA ASN A 69 7.25 -4.34 6.94
C ASN A 69 6.26 -5.50 6.80
N HIS A 70 5.55 -5.55 5.66
CA HIS A 70 4.43 -6.48 5.46
C HIS A 70 4.52 -7.01 4.02
N PRO A 71 4.19 -8.28 3.81
CA PRO A 71 4.35 -8.87 2.45
C PRO A 71 3.40 -8.31 1.43
N ASN A 72 2.38 -7.54 1.82
CA ASN A 72 1.48 -6.92 0.85
C ASN A 72 1.55 -5.39 0.90
N ILE A 73 2.70 -4.87 1.35
CA ILE A 73 2.99 -3.44 1.32
C ILE A 73 4.35 -3.28 0.64
N ILE A 74 4.44 -2.39 -0.34
CA ILE A 74 5.74 -2.14 -0.99
C ILE A 74 6.82 -1.82 0.05
N LYS A 75 7.92 -2.56 0.02
CA LYS A 75 9.01 -2.39 0.99
C LYS A 75 10.03 -1.36 0.53
N LEU A 76 10.55 -0.59 1.48
CA LEU A 76 11.66 0.31 1.24
C LEU A 76 12.97 -0.48 1.40
N PHE A 77 13.87 -0.36 0.42
CA PHE A 77 15.19 -0.99 0.50
C PHE A 77 16.32 -0.01 0.82
N GLU A 78 16.29 1.21 0.28
CA GLU A 78 17.42 2.11 0.43
C GLU A 78 16.96 3.53 0.18
N VAL A 79 17.62 4.47 0.84
CA VAL A 79 17.45 5.90 0.61
C VAL A 79 18.79 6.48 0.19
N ILE A 80 18.80 7.15 -0.96
CA ILE A 80 19.93 7.94 -1.41
C ILE A 80 19.50 9.39 -1.45
N GLU A 81 20.29 10.28 -0.85
CA GLU A 81 19.93 11.69 -0.77
C GLU A 81 21.10 12.57 -1.19
N THR A 82 20.86 13.46 -2.14
CA THR A 82 21.75 14.57 -2.43
C THR A 82 21.06 15.85 -1.96
N GLU A 83 21.76 16.98 -2.08
CA GLU A 83 21.12 18.22 -1.65
C GLU A 83 19.95 18.61 -2.54
N LYS A 84 19.91 18.11 -3.79
CA LYS A 84 18.85 18.44 -4.73
C LYS A 84 17.79 17.36 -4.89
N THR A 85 18.14 16.09 -4.70
CA THR A 85 17.25 14.98 -5.06
C THR A 85 17.18 13.98 -3.93
N LEU A 86 16.00 13.38 -3.77
CA LEU A 86 15.81 12.22 -2.90
C LEU A 86 15.44 11.02 -3.77
N TYR A 87 16.08 9.88 -3.50
CA TYR A 87 15.79 8.65 -4.20
C TYR A 87 15.28 7.65 -3.19
N LEU A 88 14.07 7.11 -3.42
CA LEU A 88 13.51 6.04 -2.60
C LEU A 88 13.59 4.75 -3.42
N ILE A 89 14.43 3.82 -2.99
CA ILE A 89 14.57 2.56 -3.71
C ILE A 89 13.63 1.57 -3.07
N MET A 90 12.71 1.02 -3.87
CA MET A 90 11.60 0.24 -3.35
C MET A 90 11.46 -1.08 -4.07
N GLU A 91 10.71 -1.98 -3.44
CA GLU A 91 10.19 -3.17 -4.11
C GLU A 91 9.47 -2.79 -5.40
N TYR A 92 9.68 -3.61 -6.45
CA TYR A 92 9.01 -3.46 -7.74
C TYR A 92 7.89 -4.49 -7.90
N ALA A 93 6.70 -4.04 -8.33
CA ALA A 93 5.56 -4.91 -8.58
C ALA A 93 5.28 -4.88 -10.08
N SER A 94 5.49 -6.00 -10.76
CA SER A 94 5.61 -5.97 -12.22
C SER A 94 4.27 -5.95 -12.95
N LYS A 95 3.13 -6.12 -12.27
CA LYS A 95 1.87 -6.21 -12.99
C LYS A 95 0.99 -4.99 -12.81
N GLY A 96 1.50 -3.91 -12.21
CA GLY A 96 0.83 -2.61 -12.30
C GLY A 96 -0.31 -2.42 -11.31
N GLU A 97 -1.14 -1.41 -11.61
CA GLU A 97 -2.23 -1.01 -10.70
C GLU A 97 -3.42 -1.93 -10.83
N VAL A 98 -4.08 -2.17 -9.69
CA VAL A 98 -5.37 -2.86 -9.72
C VAL A 98 -6.36 -2.07 -10.56
N TYR A 99 -6.29 -0.73 -10.48
CA TYR A 99 -7.16 0.12 -11.30
C TYR A 99 -7.09 -0.25 -12.77
N ASP A 100 -5.89 -0.29 -13.33
CA ASP A 100 -5.73 -0.64 -14.74
C ASP A 100 -6.17 -2.06 -15.03
N TYR A 101 -5.97 -2.97 -14.07
CA TYR A 101 -6.38 -4.35 -14.26
C TYR A 101 -7.90 -4.46 -14.38
N LEU A 102 -8.64 -3.73 -13.53
CA LEU A 102 -10.09 -3.73 -13.62
C LEU A 102 -10.59 -3.10 -14.91
N VAL A 103 -9.90 -2.07 -15.39
CA VAL A 103 -10.28 -1.46 -16.66
C VAL A 103 -10.14 -2.46 -17.81
N GLU A 104 -9.06 -3.24 -17.79
CA GLU A 104 -8.83 -4.18 -18.89
C GLU A 104 -9.74 -5.39 -18.80
N HIS A 105 -9.95 -5.94 -17.61
CA HIS A 105 -10.58 -7.23 -17.48
C HIS A 105 -11.99 -7.17 -16.91
N GLY A 106 -12.41 -6.03 -16.37
CA GLY A 106 -13.70 -5.96 -15.75
C GLY A 106 -13.65 -6.54 -14.35
N ARG A 107 -14.84 -6.81 -13.81
CA ARG A 107 -14.92 -7.23 -12.42
C ARG A 107 -14.18 -8.54 -12.18
N MET A 108 -13.72 -8.72 -10.96
CA MET A 108 -13.20 -10.02 -10.52
C MET A 108 -14.36 -10.90 -10.05
N LYS A 109 -14.27 -12.20 -10.32
CA LYS A 109 -15.15 -13.13 -9.62
C LYS A 109 -14.91 -12.98 -8.13
N GLU A 110 -15.93 -13.31 -7.32
CA GLU A 110 -15.74 -13.15 -5.88
C GLU A 110 -14.58 -13.99 -5.36
N LYS A 111 -14.32 -15.17 -5.94
CA LYS A 111 -13.19 -15.94 -5.43
C LYS A 111 -11.85 -15.26 -5.74
N GLU A 112 -11.77 -14.54 -6.86
CA GLU A 112 -10.55 -13.79 -7.13
C GLU A 112 -10.47 -12.52 -6.29
N ALA A 113 -11.58 -11.80 -6.14
CA ALA A 113 -11.59 -10.63 -5.25
C ALA A 113 -11.22 -11.01 -3.82
N ARG A 114 -11.68 -12.17 -3.36
CA ARG A 114 -11.43 -12.61 -1.99
C ARG A 114 -9.93 -12.79 -1.72
N SER A 115 -9.21 -13.45 -2.63
CA SER A 115 -7.78 -13.63 -2.43
CA SER A 115 -7.78 -13.63 -2.42
CA SER A 115 -7.78 -13.63 -2.43
C SER A 115 -7.07 -12.28 -2.33
N LYS A 116 -7.40 -11.34 -3.21
CA LYS A 116 -6.77 -10.01 -3.15
C LYS A 116 -7.19 -9.27 -1.89
N PHE A 117 -8.49 -9.33 -1.55
CA PHE A 117 -9.00 -8.53 -0.46
C PHE A 117 -8.47 -9.01 0.89
N ARG A 118 -8.24 -10.32 1.03
CA ARG A 118 -7.63 -10.80 2.28
C ARG A 118 -6.26 -10.16 2.46
N GLN A 119 -5.50 -10.03 1.36
CA GLN A 119 -4.19 -9.39 1.44
C GLN A 119 -4.30 -7.91 1.77
N ILE A 120 -5.25 -7.23 1.13
CA ILE A 120 -5.48 -5.79 1.38
C ILE A 120 -5.85 -5.58 2.84
N VAL A 121 -6.81 -6.33 3.35
CA VAL A 121 -7.25 -6.16 4.73
C VAL A 121 -6.11 -6.48 5.69
N SER A 122 -5.33 -7.52 5.41
CA SER A 122 -4.18 -7.81 6.28
C SER A 122 -3.22 -6.62 6.32
N ALA A 123 -2.89 -6.06 5.15
CA ALA A 123 -1.92 -4.96 5.10
C ALA A 123 -2.41 -3.74 5.86
N VAL A 124 -3.67 -3.34 5.62
CA VAL A 124 -4.19 -2.13 6.24
C VAL A 124 -4.42 -2.32 7.74
N GLN A 125 -4.88 -3.51 8.16
CA GLN A 125 -5.03 -3.73 9.60
C GLN A 125 -3.68 -3.68 10.29
N TYR A 126 -2.65 -4.18 9.62
CA TYR A 126 -1.28 -4.07 10.16
C TYR A 126 -0.83 -2.61 10.25
N CYS A 127 -1.10 -1.79 9.23
CA CYS A 127 -0.86 -0.35 9.36
C CYS A 127 -1.52 0.18 10.62
N HIS A 128 -2.78 -0.20 10.85
CA HIS A 128 -3.47 0.33 12.03
C HIS A 128 -2.86 -0.17 13.33
N GLN A 129 -2.35 -1.42 13.35
CA GLN A 129 -1.58 -1.88 14.50
C GLN A 129 -0.43 -0.92 14.82
N LYS A 130 0.23 -0.43 13.79
CA LYS A 130 1.36 0.48 13.93
C LYS A 130 0.92 1.93 14.08
N ARG A 131 -0.39 2.17 14.25
CA ARG A 131 -0.91 3.54 14.43
C ARG A 131 -0.65 4.42 13.22
N ILE A 132 -0.71 3.83 12.03
CA ILE A 132 -0.60 4.55 10.77
C ILE A 132 -1.93 4.40 10.03
N VAL A 133 -2.46 5.51 9.53
CA VAL A 133 -3.59 5.50 8.61
C VAL A 133 -3.10 5.90 7.22
N HIS A 134 -3.53 5.15 6.18
CA HIS A 134 -3.02 5.42 4.83
C HIS A 134 -3.64 6.70 4.25
N ARG A 135 -4.95 6.86 4.41
CA ARG A 135 -5.72 8.03 4.02
C ARG A 135 -5.93 8.22 2.50
N ASP A 136 -5.31 7.40 1.65
CA ASP A 136 -5.56 7.54 0.20
C ASP A 136 -5.65 6.16 -0.44
N LEU A 137 -6.38 5.26 0.19
CA LEU A 137 -6.55 3.91 -0.35
C LEU A 137 -7.54 3.99 -1.51
N LYS A 138 -7.11 3.50 -2.66
CA LYS A 138 -7.94 3.53 -3.86
C LYS A 138 -7.35 2.49 -4.79
N ALA A 139 -8.11 2.08 -5.81
CA ALA A 139 -7.64 1.03 -6.72
C ALA A 139 -6.30 1.40 -7.36
N GLU A 140 -6.05 2.69 -7.58
CA GLU A 140 -4.80 3.08 -8.23
C GLU A 140 -3.58 2.82 -7.35
N ASN A 141 -3.76 2.81 -6.02
CA ASN A 141 -2.63 2.63 -5.11
C ASN A 141 -2.44 1.18 -4.68
N LEU A 142 -3.19 0.25 -5.26
CA LEU A 142 -2.96 -1.16 -5.02
C LEU A 142 -2.20 -1.69 -6.25
N LEU A 143 -0.95 -2.13 -6.04
CA LEU A 143 -0.17 -2.71 -7.12
C LEU A 143 -0.26 -4.24 -7.06
N LEU A 144 0.18 -4.87 -8.15
CA LEU A 144 0.16 -6.32 -8.28
C LEU A 144 1.57 -6.79 -8.65
N ASP A 145 2.10 -7.79 -7.96
CA ASP A 145 3.43 -8.32 -8.32
C ASP A 145 3.27 -9.39 -9.40
N ALA A 146 4.39 -10.03 -9.77
CA ALA A 146 4.40 -10.99 -10.87
C ALA A 146 3.49 -12.18 -10.62
N ASP A 147 3.20 -12.48 -9.35
CA ASP A 147 2.30 -13.57 -9.00
C ASP A 147 0.91 -13.06 -8.68
N MET A 148 0.61 -11.80 -9.00
CA MET A 148 -0.68 -11.16 -8.74
C MET A 148 -0.97 -11.02 -7.24
N ASN A 149 0.07 -10.93 -6.41
CA ASN A 149 -0.14 -10.54 -5.03
C ASN A 149 -0.25 -9.04 -4.92
N ILE A 150 -1.11 -8.58 -4.00
CA ILE A 150 -1.29 -7.16 -3.74
C ILE A 150 -0.06 -6.58 -3.08
N LYS A 151 0.33 -5.37 -3.50
CA LYS A 151 1.32 -4.55 -2.80
C LYS A 151 0.75 -3.14 -2.68
N ILE A 152 0.36 -2.74 -1.47
CA ILE A 152 -0.13 -1.38 -1.29
C ILE A 152 1.01 -0.39 -1.39
N ALA A 153 0.79 0.72 -2.10
CA ALA A 153 1.85 1.68 -2.35
C ALA A 153 1.39 3.10 -2.02
N ASP A 154 2.37 4.01 -2.05
CA ASP A 154 2.25 5.46 -1.92
C ASP A 154 1.64 5.90 -0.60
N PHE A 155 2.50 6.03 0.41
CA PHE A 155 2.09 6.54 1.70
C PHE A 155 2.38 8.04 1.82
N GLY A 156 2.46 8.75 0.69
CA GLY A 156 2.76 10.16 0.71
C GLY A 156 1.72 11.02 1.41
N PHE A 157 0.48 10.55 1.51
CA PHE A 157 -0.55 11.27 2.23
C PHE A 157 -0.87 10.63 3.59
N SER A 158 -0.12 9.62 4.00
CA SER A 158 -0.44 8.90 5.23
CA SER A 158 -0.46 8.91 5.22
C SER A 158 -0.03 9.69 6.45
N ASN A 159 -0.48 9.24 7.62
CA ASN A 159 -0.13 9.94 8.85
C ASN A 159 -0.21 8.95 10.01
N GLU A 160 0.42 9.33 11.11
CA GLU A 160 0.14 8.67 12.37
C GLU A 160 -1.20 9.13 12.89
N PHE A 161 -1.88 8.27 13.62
CA PHE A 161 -3.03 8.75 14.36
C PHE A 161 -2.74 8.66 15.85
N THR A 162 -3.16 9.69 16.57
CA THR A 162 -2.89 9.81 18.00
C THR A 162 -4.16 10.18 18.77
N ASP A 168 -4.50 17.74 9.82
CA ASP A 168 -4.48 18.61 8.65
C ASP A 168 -5.82 18.56 7.91
N THR A 169 -5.87 19.20 6.74
CA THR A 169 -7.10 19.23 5.96
C THR A 169 -6.96 18.43 4.68
N PHE A 170 -6.48 17.19 4.76
CA PHE A 170 -6.36 16.36 3.58
C PHE A 170 -7.65 15.61 3.31
N CYS A 171 -7.95 15.44 2.02
CA CYS A 171 -9.05 14.62 1.54
C CYS A 171 -8.60 13.95 0.25
N GLY A 172 -8.58 12.62 0.24
CA GLY A 172 -8.07 11.89 -0.91
C GLY A 172 -9.00 11.87 -2.10
N SER A 173 -8.88 10.83 -2.94
CA SER A 173 -9.73 10.68 -4.10
C SER A 173 -11.19 10.72 -3.66
N PRO A 174 -11.99 11.68 -4.12
CA PRO A 174 -13.37 11.85 -3.57
C PRO A 174 -14.21 10.58 -3.63
N PRO A 175 -14.17 9.77 -4.71
CA PRO A 175 -15.04 8.58 -4.70
C PRO A 175 -14.74 7.60 -3.58
N TYR A 176 -13.57 7.68 -2.96
CA TYR A 176 -13.20 6.79 -1.87
C TYR A 176 -13.28 7.45 -0.50
N ALA A 177 -13.68 8.72 -0.43
CA ALA A 177 -13.63 9.48 0.82
C ALA A 177 -14.84 9.19 1.70
N ALA A 178 -14.59 9.00 3.00
CA ALA A 178 -15.68 8.74 3.92
C ALA A 178 -16.60 9.96 4.03
N PRO A 179 -17.88 9.75 4.38
CA PRO A 179 -18.80 10.91 4.45
C PRO A 179 -18.35 12.00 5.40
N GLU A 180 -17.69 11.66 6.51
CA GLU A 180 -17.26 12.67 7.45
C GLU A 180 -16.17 13.57 6.85
N LEU A 181 -15.45 13.09 5.83
CA LEU A 181 -14.49 13.94 5.13
C LEU A 181 -15.19 14.99 4.28
N PHE A 182 -16.32 14.63 3.67
CA PHE A 182 -17.05 15.61 2.86
C PHE A 182 -17.63 16.73 3.71
N GLN A 183 -18.05 16.42 4.93
CA GLN A 183 -18.58 17.44 5.81
C GLN A 183 -17.49 18.24 6.50
N GLY A 184 -16.22 17.98 6.18
CA GLY A 184 -15.14 18.75 6.75
C GLY A 184 -14.88 18.48 8.21
N LYS A 185 -15.33 17.32 8.71
CA LYS A 185 -15.23 17.03 10.13
C LYS A 185 -13.85 16.49 10.47
N LYS A 186 -13.36 16.86 11.64
CA LYS A 186 -12.18 16.20 12.20
C LYS A 186 -12.49 14.73 12.43
N TYR A 187 -11.45 13.92 12.32
CA TYR A 187 -11.60 12.47 12.33
C TYR A 187 -10.35 11.86 12.95
N ASP A 188 -10.53 10.71 13.59
CA ASP A 188 -9.43 10.05 14.28
C ASP A 188 -8.37 9.52 13.32
N GLY A 189 -8.75 8.58 12.47
CA GLY A 189 -7.78 7.85 11.71
C GLY A 189 -8.38 6.65 11.01
N PRO A 190 -8.33 5.49 11.65
CA PRO A 190 -8.52 4.24 10.89
C PRO A 190 -9.89 4.10 10.28
N GLU A 191 -10.93 4.71 10.88
CA GLU A 191 -12.28 4.63 10.34
C GLU A 191 -12.36 5.12 8.90
N VAL A 192 -11.53 6.09 8.51
CA VAL A 192 -11.62 6.53 7.11
C VAL A 192 -11.00 5.51 6.20
N ASP A 193 -9.95 4.81 6.63
CA ASP A 193 -9.42 3.69 5.82
C ASP A 193 -10.44 2.58 5.70
N VAL A 194 -11.19 2.31 6.78
CA VAL A 194 -12.20 1.25 6.71
C VAL A 194 -13.23 1.57 5.64
N TRP A 195 -13.72 2.82 5.60
CA TRP A 195 -14.67 3.21 4.55
C TRP A 195 -14.07 3.01 3.16
N SER A 196 -12.86 3.51 2.95
CA SER A 196 -12.22 3.34 1.63
CA SER A 196 -12.24 3.34 1.62
C SER A 196 -12.09 1.87 1.24
N LEU A 197 -11.88 0.99 2.22
CA LEU A 197 -11.77 -0.43 1.89
C LEU A 197 -13.12 -1.03 1.47
N GLY A 198 -14.22 -0.52 2.02
CA GLY A 198 -15.53 -0.90 1.50
C GLY A 198 -15.71 -0.50 0.05
N VAL A 199 -15.29 0.73 -0.31
CA VAL A 199 -15.34 1.16 -1.70
C VAL A 199 -14.45 0.27 -2.56
N ILE A 200 -13.27 -0.09 -2.04
CA ILE A 200 -12.38 -0.99 -2.80
C ILE A 200 -13.04 -2.36 -3.02
N LEU A 201 -13.64 -2.94 -1.98
CA LEU A 201 -14.29 -4.24 -2.18
C LEU A 201 -15.35 -4.15 -3.27
N TYR A 202 -16.18 -3.10 -3.21
CA TYR A 202 -17.22 -2.96 -4.22
C TYR A 202 -16.60 -2.85 -5.62
N THR A 203 -15.49 -2.13 -5.77
CA THR A 203 -14.91 -2.00 -7.11
CA THR A 203 -14.89 -1.99 -7.10
C THR A 203 -14.30 -3.31 -7.59
N LEU A 204 -13.71 -4.10 -6.68
CA LEU A 204 -13.17 -5.40 -7.10
C LEU A 204 -14.26 -6.32 -7.64
N VAL A 205 -15.40 -6.40 -6.93
CA VAL A 205 -16.45 -7.36 -7.27
CA VAL A 205 -16.40 -7.38 -7.32
C VAL A 205 -17.35 -6.87 -8.39
N SER A 206 -17.48 -5.55 -8.60
CA SER A 206 -18.37 -5.02 -9.63
C SER A 206 -17.66 -4.38 -10.82
N GLY A 207 -16.41 -3.96 -10.66
CA GLY A 207 -15.71 -3.23 -11.71
C GLY A 207 -16.08 -1.77 -11.81
N SER A 208 -16.89 -1.26 -10.88
CA SER A 208 -17.40 0.10 -10.91
C SER A 208 -17.34 0.69 -9.51
N LEU A 209 -17.45 2.02 -9.42
CA LEU A 209 -17.52 2.66 -8.10
C LEU A 209 -18.94 2.64 -7.55
N PRO A 210 -19.11 2.52 -6.23
CA PRO A 210 -20.47 2.52 -5.65
C PRO A 210 -21.10 3.90 -5.65
N PHE A 211 -20.29 4.95 -5.47
CA PHE A 211 -20.74 6.34 -5.47
C PHE A 211 -20.02 7.08 -6.59
N ASP A 212 -20.78 7.63 -7.53
CA ASP A 212 -20.22 8.44 -8.59
C ASP A 212 -21.17 9.61 -8.86
N GLY A 213 -20.68 10.56 -9.64
CA GLY A 213 -21.51 11.70 -10.02
C GLY A 213 -20.86 12.46 -11.15
N GLN A 214 -21.68 13.32 -11.79
CA GLN A 214 -21.18 14.14 -12.89
C GLN A 214 -20.23 15.23 -12.42
N ASN A 215 -20.26 15.57 -11.13
CA ASN A 215 -19.40 16.59 -10.56
C ASN A 215 -19.29 16.31 -9.07
N LEU A 216 -18.49 17.14 -8.38
CA LEU A 216 -18.26 16.91 -6.96
C LEU A 216 -19.54 17.08 -6.14
N LYS A 217 -20.43 17.98 -6.53
CA LYS A 217 -21.66 18.16 -5.77
C LYS A 217 -22.52 16.89 -5.83
N GLU A 218 -22.66 16.31 -7.02
CA GLU A 218 -23.45 15.10 -7.17
C GLU A 218 -22.82 13.92 -6.43
N LEU A 219 -21.50 13.78 -6.54
CA LEU A 219 -20.83 12.69 -5.85
C LEU A 219 -20.97 12.84 -4.34
N ARG A 220 -20.75 14.05 -3.82
CA ARG A 220 -20.85 14.29 -2.39
C ARG A 220 -22.23 13.89 -1.86
N GLU A 221 -23.30 14.30 -2.55
CA GLU A 221 -24.64 13.97 -2.10
C GLU A 221 -24.87 12.47 -2.08
N ARG A 222 -24.32 11.74 -3.05
CA ARG A 222 -24.50 10.28 -3.03
C ARG A 222 -23.74 9.64 -1.88
N VAL A 223 -22.53 10.12 -1.58
CA VAL A 223 -21.76 9.54 -0.48
C VAL A 223 -22.50 9.75 0.84
N LEU A 224 -22.98 10.97 1.06
CA LEU A 224 -23.64 11.32 2.31
C LEU A 224 -24.93 10.52 2.51
N ARG A 225 -25.64 10.21 1.42
CA ARG A 225 -26.82 9.35 1.55
C ARG A 225 -26.43 7.91 1.82
N GLY A 226 -25.26 7.48 1.35
CA GLY A 226 -24.72 6.17 1.64
C GLY A 226 -25.41 5.00 0.95
N LYS A 227 -26.27 5.26 -0.04
CA LYS A 227 -26.94 4.19 -0.78
C LYS A 227 -26.14 3.80 -2.02
N TYR A 228 -26.10 2.50 -2.30
CA TYR A 228 -25.36 1.98 -3.46
C TYR A 228 -26.07 0.74 -3.96
N ARG A 229 -25.85 0.44 -5.25
CA ARG A 229 -26.61 -0.61 -5.94
C ARG A 229 -25.96 -1.97 -5.76
N ILE A 230 -26.76 -2.99 -5.47
CA ILE A 230 -26.26 -4.35 -5.36
C ILE A 230 -26.55 -5.08 -6.67
N PRO A 231 -25.54 -5.50 -7.44
CA PRO A 231 -25.82 -6.26 -8.67
C PRO A 231 -26.41 -7.62 -8.35
N PHE A 232 -27.19 -8.14 -9.31
CA PHE A 232 -27.82 -9.45 -9.15
C PHE A 232 -26.79 -10.56 -8.93
N TYR A 233 -25.61 -10.46 -9.54
CA TYR A 233 -24.61 -11.52 -9.40
C TYR A 233 -23.89 -11.50 -8.06
N MET A 234 -24.06 -10.44 -7.25
CA MET A 234 -23.31 -10.33 -5.99
C MET A 234 -23.96 -11.22 -4.93
N SER A 235 -23.14 -12.00 -4.22
CA SER A 235 -23.69 -12.94 -3.24
C SER A 235 -24.24 -12.19 -2.03
N THR A 236 -25.16 -12.84 -1.30
CA THR A 236 -25.67 -12.26 -0.05
CA THR A 236 -25.66 -12.20 -0.09
C THR A 236 -24.53 -12.02 0.94
N ASP A 237 -23.58 -12.96 1.01
CA ASP A 237 -22.48 -12.79 1.98
C ASP A 237 -21.62 -11.58 1.63
N CYS A 238 -21.39 -11.32 0.34
CA CYS A 238 -20.61 -10.14 -0.06
C CYS A 238 -21.37 -8.87 0.28
N GLU A 239 -22.67 -8.84 -0.03
CA GLU A 239 -23.50 -7.68 0.31
C GLU A 239 -23.46 -7.40 1.82
N ASN A 240 -23.56 -8.46 2.64
CA ASN A 240 -23.54 -8.28 4.08
C ASN A 240 -22.18 -7.76 4.56
N LEU A 241 -21.10 -8.21 3.93
CA LEU A 241 -19.78 -7.72 4.33
C LEU A 241 -19.62 -6.24 4.00
N LEU A 242 -20.11 -5.81 2.83
CA LEU A 242 -20.06 -4.39 2.49
C LEU A 242 -20.74 -3.54 3.54
N LYS A 243 -21.80 -4.05 4.16
CA LYS A 243 -22.52 -3.29 5.17
C LYS A 243 -21.67 -3.01 6.40
N ARG A 244 -20.62 -3.80 6.62
CA ARG A 244 -19.76 -3.58 7.78
C ARG A 244 -18.74 -2.46 7.54
N PHE A 245 -18.37 -2.24 6.28
CA PHE A 245 -17.46 -1.16 5.91
C PHE A 245 -18.20 0.16 5.70
N LEU A 246 -19.31 0.12 4.98
CA LEU A 246 -19.92 1.34 4.45
C LEU A 246 -21.04 1.80 5.37
N VAL A 247 -20.61 2.09 6.60
CA VAL A 247 -21.48 2.61 7.66
C VAL A 247 -21.26 4.12 7.73
N LEU A 248 -22.36 4.87 7.57
CA LEU A 248 -22.25 6.33 7.62
C LEU A 248 -21.61 6.81 8.91
N ASN A 249 -22.05 6.30 10.06
CA ASN A 249 -21.52 6.74 11.34
C ASN A 249 -20.14 6.11 11.60
N PRO A 250 -19.05 6.88 11.62
CA PRO A 250 -17.73 6.25 11.87
C PRO A 250 -17.66 5.53 13.20
N ILE A 251 -18.45 5.95 14.20
CA ILE A 251 -18.49 5.28 15.50
C ILE A 251 -18.93 3.81 15.36
N LYS A 252 -19.86 3.53 14.45
CA LYS A 252 -20.42 2.19 14.30
C LYS A 252 -19.79 1.40 13.17
N ARG A 253 -18.79 1.96 12.50
CA ARG A 253 -18.12 1.24 11.44
C ARG A 253 -17.32 0.08 12.06
N GLY A 254 -17.30 -1.08 11.39
CA GLY A 254 -16.53 -2.18 11.93
C GLY A 254 -15.04 -1.87 11.94
N THR A 255 -14.31 -2.48 12.88
CA THR A 255 -12.85 -2.42 12.80
C THR A 255 -12.36 -3.57 11.96
N LEU A 256 -11.14 -3.45 11.43
CA LEU A 256 -10.66 -4.48 10.53
C LEU A 256 -10.40 -5.78 11.28
N GLU A 257 -9.90 -5.70 12.53
CA GLU A 257 -9.70 -6.93 13.29
C GLU A 257 -11.02 -7.69 13.45
N GLN A 258 -12.14 -6.98 13.60
CA GLN A 258 -13.43 -7.66 13.71
C GLN A 258 -13.88 -8.20 12.36
N ILE A 259 -13.66 -7.40 11.31
CA ILE A 259 -14.11 -7.79 9.98
C ILE A 259 -13.35 -9.02 9.47
N MET A 260 -12.13 -9.25 9.97
CA MET A 260 -11.34 -10.40 9.54
C MET A 260 -12.06 -11.73 9.81
N LYS A 261 -12.98 -11.77 10.76
CA LYS A 261 -13.71 -13.00 11.10
C LYS A 261 -14.90 -13.26 10.18
N ASP A 262 -15.19 -12.35 9.25
CA ASP A 262 -16.42 -12.44 8.48
C ASP A 262 -16.48 -13.71 7.63
N ARG A 263 -17.70 -14.22 7.45
CA ARG A 263 -17.90 -15.45 6.67
C ARG A 263 -17.37 -15.32 5.24
N TRP A 264 -17.64 -14.19 4.58
CA TRP A 264 -17.19 -14.04 3.19
C TRP A 264 -15.67 -14.06 3.08
N ILE A 265 -14.99 -13.39 4.02
CA ILE A 265 -13.53 -13.28 4.02
C ILE A 265 -12.88 -14.65 4.05
N ASN A 266 -13.50 -15.60 4.73
CA ASN A 266 -12.88 -16.88 5.02
C ASN A 266 -13.54 -18.05 4.30
N ALA A 267 -14.51 -17.79 3.41
CA ALA A 267 -15.14 -18.88 2.68
C ALA A 267 -14.09 -19.65 1.88
N GLY A 268 -14.01 -20.95 2.12
CA GLY A 268 -13.01 -21.80 1.49
C GLY A 268 -11.64 -21.72 2.10
N HIS A 269 -11.49 -21.11 3.28
CA HIS A 269 -10.19 -21.00 3.94
C HIS A 269 -10.16 -21.73 5.28
N GLU A 270 -10.56 -23.00 5.26
CA GLU A 270 -10.55 -23.81 6.47
C GLU A 270 -9.13 -23.90 7.03
N GLU A 271 -9.04 -23.85 8.36
CA GLU A 271 -7.75 -23.85 9.06
CA GLU A 271 -7.81 -23.78 9.14
C GLU A 271 -6.91 -22.62 8.73
N ASP A 272 -7.48 -21.61 8.09
CA ASP A 272 -6.72 -20.46 7.60
C ASP A 272 -7.53 -19.18 7.77
N GLU A 273 -8.23 -19.05 8.89
CA GLU A 273 -8.99 -17.81 9.14
C GLU A 273 -8.06 -16.61 9.13
N LEU A 274 -8.49 -15.54 8.45
CA LEU A 274 -7.67 -14.32 8.39
C LEU A 274 -7.53 -13.73 9.79
N LYS A 275 -6.31 -13.38 10.16
CA LYS A 275 -5.98 -12.88 11.49
C LYS A 275 -4.97 -11.76 11.38
N PRO A 276 -4.86 -10.90 12.40
CA PRO A 276 -3.83 -9.85 12.36
C PRO A 276 -2.45 -10.43 12.08
N PHE A 277 -1.73 -9.75 11.19
CA PHE A 277 -0.38 -10.11 10.84
C PHE A 277 0.53 -10.00 12.05
N VAL A 278 1.44 -10.94 12.21
CA VAL A 278 2.46 -10.90 13.25
C VAL A 278 3.80 -10.69 12.56
N GLU A 279 4.39 -9.52 12.77
CA GLU A 279 5.62 -9.16 12.09
C GLU A 279 6.75 -10.06 12.60
N PRO A 280 7.44 -10.79 11.73
CA PRO A 280 8.57 -11.62 12.21
C PRO A 280 9.77 -10.76 12.56
N GLU A 281 10.63 -11.33 13.39
CA GLU A 281 11.91 -10.69 13.68
C GLU A 281 12.79 -10.71 12.45
N LEU A 282 13.32 -9.55 12.08
CA LEU A 282 14.13 -9.48 10.87
C LEU A 282 15.45 -10.19 11.10
N ASP A 283 15.75 -11.17 10.26
CA ASP A 283 17.06 -11.82 10.27
C ASP A 283 18.08 -10.86 9.68
N ILE A 284 19.02 -10.40 10.51
CA ILE A 284 20.13 -9.57 10.04
C ILE A 284 21.42 -10.34 10.22
N SER A 285 21.34 -11.67 10.23
CA SER A 285 22.47 -12.50 10.62
C SER A 285 22.72 -13.67 9.66
N ASP A 286 22.15 -13.64 8.45
CA ASP A 286 22.41 -14.69 7.47
C ASP A 286 23.85 -14.56 6.96
N GLN A 287 24.74 -15.43 7.44
CA GLN A 287 26.15 -15.31 7.06
C GLN A 287 26.41 -15.70 5.62
N LYS A 288 25.56 -16.53 5.01
CA LYS A 288 25.72 -16.81 3.59
C LYS A 288 25.57 -15.52 2.78
N ARG A 289 24.53 -14.73 3.09
CA ARG A 289 24.39 -13.42 2.45
C ARG A 289 25.54 -12.50 2.83
N ILE A 290 25.97 -12.53 4.10
CA ILE A 290 27.06 -11.66 4.53
C ILE A 290 28.37 -12.05 3.85
N ASP A 291 28.60 -13.35 3.66
CA ASP A 291 29.81 -13.80 2.96
C ASP A 291 29.84 -13.26 1.53
N ILE A 292 28.69 -13.27 0.86
CA ILE A 292 28.62 -12.73 -0.51
C ILE A 292 29.02 -11.27 -0.51
N MET A 293 28.55 -10.50 0.48
CA MET A 293 28.83 -9.07 0.51
C MET A 293 30.28 -8.77 0.85
N VAL A 294 30.93 -9.62 1.66
CA VAL A 294 32.37 -9.49 1.87
C VAL A 294 33.11 -9.70 0.56
N GLY A 295 32.74 -10.74 -0.18
CA GLY A 295 33.30 -10.96 -1.50
C GLY A 295 33.09 -9.81 -2.46
N MET A 296 32.03 -9.01 -2.26
CA MET A 296 31.82 -7.83 -3.08
C MET A 296 32.72 -6.68 -2.69
N GLY A 297 33.23 -6.66 -1.45
CA GLY A 297 34.09 -5.56 -1.07
C GLY A 297 33.84 -4.94 0.29
N TYR A 298 32.63 -5.07 0.82
CA TYR A 298 32.32 -4.50 2.13
C TYR A 298 32.93 -5.35 3.23
N SER A 299 33.34 -4.70 4.30
CA SER A 299 33.95 -5.42 5.42
C SER A 299 32.87 -6.02 6.34
N GLN A 300 33.27 -7.07 7.05
CA GLN A 300 32.38 -7.72 8.01
C GLN A 300 31.84 -6.71 9.02
N GLU A 301 32.72 -5.84 9.53
CA GLU A 301 32.31 -4.88 10.56
C GLU A 301 31.36 -3.83 10.01
N GLU A 302 31.58 -3.42 8.75
CA GLU A 302 30.69 -2.48 8.07
C GLU A 302 29.31 -3.06 7.91
N ILE A 303 29.24 -4.32 7.49
CA ILE A 303 27.94 -4.94 7.28
C ILE A 303 27.18 -5.03 8.60
N GLN A 304 27.88 -5.39 9.67
CA GLN A 304 27.24 -5.49 10.98
C GLN A 304 26.70 -4.15 11.46
N GLU A 305 27.45 -3.07 11.22
CA GLU A 305 27.02 -1.75 11.71
C GLU A 305 25.80 -1.25 10.94
N SER A 306 25.80 -1.41 9.61
CA SER A 306 24.65 -0.95 8.82
C SER A 306 23.40 -1.76 9.13
N LEU A 307 23.54 -3.07 9.36
CA LEU A 307 22.34 -3.89 9.60
C LEU A 307 21.79 -3.67 11.00
N SER A 308 22.67 -3.53 11.99
CA SER A 308 22.21 -3.37 13.37
C SER A 308 21.56 -2.01 13.57
N LYS A 309 22.13 -0.95 13.00
CA LYS A 309 21.45 0.34 13.02
C LYS A 309 20.35 0.43 11.98
N MET A 310 20.15 -0.60 11.16
CA MET A 310 19.18 -0.63 10.06
C MET A 310 19.15 0.73 9.36
N LYS A 311 20.23 1.04 8.63
CA LYS A 311 20.46 2.38 8.11
C LYS A 311 19.77 2.66 6.76
N TYR A 312 19.15 1.66 6.15
CA TYR A 312 18.62 1.78 4.77
C TYR A 312 19.65 2.43 3.85
N ASP A 313 20.87 1.90 3.90
CA ASP A 313 21.94 2.38 3.06
C ASP A 313 22.29 1.32 2.01
N GLU A 314 23.43 1.51 1.33
CA GLU A 314 23.74 0.62 0.23
C GLU A 314 23.96 -0.80 0.72
N ILE A 315 24.38 -0.96 1.98
CA ILE A 315 24.66 -2.30 2.52
C ILE A 315 23.38 -3.02 2.87
N THR A 316 22.51 -2.40 3.68
CA THR A 316 21.29 -3.10 4.07
C THR A 316 20.41 -3.41 2.86
N ALA A 317 20.45 -2.55 1.83
CA ALA A 317 19.71 -2.83 0.61
C ALA A 317 20.28 -4.04 -0.13
N THR A 318 21.61 -4.17 -0.18
CA THR A 318 22.21 -5.35 -0.82
C THR A 318 21.84 -6.62 -0.06
N TYR A 319 21.89 -6.55 1.27
CA TYR A 319 21.52 -7.70 2.10
C TYR A 319 20.08 -8.14 1.82
N LEU A 320 19.15 -7.18 1.81
CA LEU A 320 17.75 -7.50 1.55
C LEU A 320 17.58 -8.07 0.14
N LEU A 321 18.17 -7.42 -0.87
CA LEU A 321 17.97 -7.87 -2.24
C LEU A 321 18.55 -9.26 -2.47
N LEU A 322 19.66 -9.58 -1.80
CA LEU A 322 20.20 -10.95 -1.86
C LEU A 322 19.22 -11.97 -1.29
N GLY A 323 18.29 -11.54 -0.43
CA GLY A 323 17.25 -12.39 0.12
C GLY A 323 16.00 -12.53 -0.72
N ARG A 324 16.02 -12.07 -1.98
CA ARG A 324 14.87 -12.11 -2.87
C ARG A 324 15.26 -12.76 -4.19
N LYS A 325 14.25 -13.26 -4.91
CA LYS A 325 14.48 -13.94 -6.17
C LYS A 325 14.85 -12.94 -7.27
N SER A 326 15.21 -13.47 -8.44
CA SER A 326 15.54 -12.65 -9.60
C SER A 326 15.03 -13.29 -10.89
#